data_4CUU
#
_entry.id   4CUU
#
_cell.length_a   81.451
_cell.length_b   96.521
_cell.length_c   57.968
_cell.angle_alpha   90.00
_cell.angle_beta   90.00
_cell.angle_gamma   90.00
#
_symmetry.space_group_name_H-M   'C 2 2 21'
#
loop_
_entity.id
_entity.type
_entity.pdbx_description
1 polymer 'BROMODOMAIN ADJACENT TO ZINC FINGER DOMAIN PROTEIN 2B'
2 non-polymer (2R)-1,2,3,4-tetrahydroquinoline-2,7-diol
3 non-polymer 1,2-ETHANEDIOL
4 water water
#
_entity_poly.entity_id   1
_entity_poly.type   'polypeptide(L)'
_entity_poly.pdbx_seq_one_letter_code
;SMSVKKPKRDDSKDLALCSMILTEMETHEDAWPFLLPVNLKLVPGYKKVIKKPMDFSTIREKLSSGQYPNLETFALDVRL
VFDNCETFNEDDSDIGRAGHNMRKYFEKKWTDTFKVS
;
_entity_poly.pdbx_strand_id   A
#
loop_
_chem_comp.id
_chem_comp.type
_chem_comp.name
_chem_comp.formula
EDO non-polymer 1,2-ETHANEDIOL 'C2 H6 O2'
Y6M non-polymer (2R)-1,2,3,4-tetrahydroquinoline-2,7-diol 'C9 H11 N O2'
#
# COMPACT_ATOMS: atom_id res chain seq x y z
N SER A 1 26.58 1.53 -16.56
CA SER A 1 27.78 1.05 -15.88
C SER A 1 28.64 2.24 -15.50
N MET A 2 29.88 1.97 -15.07
CA MET A 2 30.75 3.02 -14.56
C MET A 2 30.92 4.16 -15.57
N SER A 3 30.52 5.36 -15.15
CA SER A 3 30.59 6.54 -16.01
C SER A 3 29.71 6.44 -17.26
N VAL A 4 28.70 5.58 -17.21
CA VAL A 4 27.73 5.47 -18.30
C VAL A 4 26.36 5.59 -17.70
N LYS A 5 25.84 6.82 -17.66
CA LYS A 5 24.58 7.07 -16.97
C LYS A 5 23.39 7.10 -17.92
N LYS A 6 22.35 6.36 -17.56
CA LYS A 6 21.09 6.39 -18.25
C LYS A 6 20.37 7.67 -17.84
N PRO A 7 19.68 8.32 -18.77
CA PRO A 7 18.81 9.41 -18.34
C PRO A 7 17.79 8.85 -17.35
N LYS A 8 17.42 9.64 -16.34
CA LYS A 8 16.50 9.13 -15.33
C LYS A 8 15.35 10.09 -15.11
N ARG A 9 14.19 9.53 -14.78
CA ARG A 9 13.00 10.35 -14.57
C ARG A 9 13.23 11.31 -13.42
N ASP A 10 12.57 12.47 -13.51
CA ASP A 10 12.53 13.43 -12.42
C ASP A 10 11.72 12.83 -11.27
N ASP A 11 12.37 12.61 -10.13
CA ASP A 11 11.73 11.98 -8.97
C ASP A 11 11.45 12.97 -7.85
N SER A 12 11.63 14.26 -8.14
CA SER A 12 11.55 15.28 -7.11
C SER A 12 10.16 15.41 -6.49
N LYS A 13 9.11 15.10 -7.24
CA LYS A 13 7.75 15.23 -6.72
C LYS A 13 7.16 13.92 -6.20
N ASP A 14 7.95 12.84 -6.22
CA ASP A 14 7.45 11.51 -5.85
C ASP A 14 6.85 11.45 -4.45
N LEU A 15 7.52 12.07 -3.48
CA LEU A 15 7.04 12.06 -2.09
C LEU A 15 5.63 12.67 -2.00
N ALA A 16 5.46 13.85 -2.59
CA ALA A 16 4.17 14.53 -2.58
C ALA A 16 3.09 13.73 -3.30
N LEU A 17 3.45 13.14 -4.44
CA LEU A 17 2.50 12.35 -5.21
C LEU A 17 2.06 11.08 -4.47
N CYS A 18 3.01 10.37 -3.88
CA CYS A 18 2.67 9.18 -3.09
C CYS A 18 1.82 9.55 -1.88
N SER A 19 2.09 10.71 -1.28
CA SER A 19 1.27 11.16 -0.17
C SER A 19 -0.17 11.42 -0.62
N MET A 20 -0.34 12.06 -1.79
CA MET A 20 -1.68 12.32 -2.31
C MET A 20 -2.41 11.02 -2.61
N ILE A 21 -1.71 10.05 -3.22
CA ILE A 21 -2.33 8.76 -3.50
C ILE A 21 -2.76 8.08 -2.19
N LEU A 22 -1.91 8.15 -1.19
CA LEU A 22 -2.22 7.50 0.09
C LEU A 22 -3.43 8.16 0.75
N THR A 23 -3.52 9.50 0.66
CA THR A 23 -4.69 10.21 1.18
C THR A 23 -5.96 9.73 0.50
N GLU A 24 -5.90 9.56 -0.81
CA GLU A 24 -7.06 9.09 -1.56
C GLU A 24 -7.45 7.68 -1.12
N MET A 25 -6.46 6.83 -0.80
N MET A 25 -6.43 6.84 -0.87
CA MET A 25 -6.79 5.50 -0.33
CA MET A 25 -6.65 5.51 -0.31
C MET A 25 -7.30 5.51 1.12
C MET A 25 -7.36 5.63 1.04
N GLU A 26 -6.75 6.39 1.94
CA GLU A 26 -7.23 6.53 3.32
C GLU A 26 -8.69 6.98 3.39
N THR A 27 -9.15 7.74 2.40
CA THR A 27 -10.51 8.29 2.45
C THR A 27 -11.53 7.51 1.61
N HIS A 28 -11.09 6.46 0.93
CA HIS A 28 -11.99 5.60 0.17
C HIS A 28 -12.96 4.91 1.16
N GLU A 29 -14.23 4.79 0.79
CA GLU A 29 -15.21 4.25 1.75
C GLU A 29 -14.91 2.78 2.09
N ASP A 30 -14.21 2.06 1.21
CA ASP A 30 -13.85 0.67 1.49
C ASP A 30 -12.48 0.50 2.15
N ALA A 31 -11.90 1.58 2.67
CA ALA A 31 -10.58 1.49 3.30
C ALA A 31 -10.63 0.95 4.73
N TRP A 32 -11.82 0.83 5.30
CA TRP A 32 -11.92 0.53 6.73
C TRP A 32 -11.19 -0.74 7.19
N PRO A 33 -11.05 -1.79 6.35
CA PRO A 33 -10.30 -2.91 6.92
C PRO A 33 -8.79 -2.66 7.03
N PHE A 34 -8.30 -1.60 6.40
CA PHE A 34 -6.86 -1.42 6.18
C PHE A 34 -6.27 -0.18 6.85
N LEU A 35 -7.09 0.54 7.61
CA LEU A 35 -6.65 1.81 8.17
C LEU A 35 -5.65 1.63 9.31
N LEU A 36 -5.81 0.58 10.10
CA LEU A 36 -4.99 0.35 11.29
C LEU A 36 -4.39 -1.06 11.27
N PRO A 37 -3.29 -1.28 11.98
CA PRO A 37 -2.75 -2.65 12.00
C PRO A 37 -3.77 -3.64 12.58
N VAL A 38 -3.84 -4.83 12.01
CA VAL A 38 -4.64 -5.90 12.58
C VAL A 38 -4.16 -6.24 13.98
N ASN A 39 -5.08 -6.43 14.91
CA ASN A 39 -4.73 -6.74 16.29
C ASN A 39 -4.29 -8.20 16.40
N LEU A 40 -2.98 -8.42 16.50
CA LEU A 40 -2.43 -9.77 16.47
C LEU A 40 -2.76 -10.58 17.73
N LYS A 41 -3.15 -9.89 18.80
CA LYS A 41 -3.51 -10.59 20.03
C LYS A 41 -4.98 -11.02 20.02
N LEU A 42 -5.80 -10.37 19.19
CA LEU A 42 -7.23 -10.63 19.21
C LEU A 42 -7.75 -11.40 18.00
N VAL A 43 -7.00 -11.41 16.89
CA VAL A 43 -7.48 -12.07 15.67
C VAL A 43 -6.80 -13.43 15.47
N PRO A 44 -7.57 -14.52 15.61
CA PRO A 44 -7.01 -15.86 15.45
C PRO A 44 -6.31 -16.06 14.11
N GLY A 45 -5.17 -16.74 14.13
CA GLY A 45 -4.46 -17.08 12.91
C GLY A 45 -3.58 -16.00 12.29
N TYR A 46 -3.92 -14.72 12.49
CA TYR A 46 -3.31 -13.67 11.71
C TYR A 46 -1.79 -13.57 11.88
N LYS A 47 -1.33 -13.65 13.13
CA LYS A 47 0.10 -13.51 13.39
C LYS A 47 0.91 -14.62 12.76
N LYS A 48 0.39 -15.84 12.80
CA LYS A 48 1.14 -16.98 12.30
C LYS A 48 1.12 -17.03 10.78
N VAL A 49 -0.04 -16.70 10.20
CA VAL A 49 -0.27 -16.85 8.77
C VAL A 49 0.33 -15.70 7.95
N ILE A 50 0.13 -14.46 8.41
CA ILE A 50 0.57 -13.27 7.67
C ILE A 50 1.95 -12.82 8.15
N LYS A 51 2.99 -13.20 7.41
CA LYS A 51 4.36 -13.00 7.85
C LYS A 51 4.78 -11.54 7.93
N LYS A 52 4.20 -10.70 7.06
CA LYS A 52 4.53 -9.29 7.03
C LYS A 52 3.27 -8.43 7.00
N PRO A 53 2.68 -8.17 8.17
CA PRO A 53 1.49 -7.32 8.25
C PRO A 53 1.80 -5.92 7.75
N MET A 54 0.83 -5.30 7.09
CA MET A 54 1.00 -3.91 6.64
C MET A 54 -0.39 -3.28 6.60
N ASP A 55 -0.45 -1.96 6.78
CA ASP A 55 -1.72 -1.24 6.82
C ASP A 55 -1.44 0.21 6.46
N PHE A 56 -2.48 0.98 6.16
CA PHE A 56 -2.30 2.34 5.67
C PHE A 56 -1.64 3.27 6.72
N SER A 57 -1.97 3.11 8.00
CA SER A 57 -1.40 4.02 9.01
C SER A 57 0.11 3.75 9.15
N THR A 58 0.53 2.52 8.95
CA THR A 58 1.94 2.16 9.04
C THR A 58 2.67 2.71 7.81
N ILE A 59 2.03 2.60 6.65
CA ILE A 59 2.60 3.18 5.43
C ILE A 59 2.72 4.71 5.57
N ARG A 60 1.69 5.35 6.13
CA ARG A 60 1.72 6.80 6.35
C ARG A 60 2.87 7.20 7.29
N GLU A 61 3.09 6.44 8.34
CA GLU A 61 4.19 6.75 9.26
C GLU A 61 5.54 6.62 8.57
N LYS A 62 5.71 5.57 7.78
CA LYS A 62 6.95 5.33 7.06
C LYS A 62 7.20 6.42 6.02
N LEU A 63 6.14 6.84 5.33
CA LEU A 63 6.26 7.91 4.32
C LEU A 63 6.62 9.24 4.97
N SER A 64 6.08 9.50 6.16
CA SER A 64 6.32 10.74 6.89
C SER A 64 7.69 10.79 7.58
N SER A 65 8.38 9.66 7.65
CA SER A 65 9.65 9.61 8.39
C SER A 65 10.82 9.12 7.52
N GLY A 66 10.68 9.21 6.20
CA GLY A 66 11.81 8.96 5.30
C GLY A 66 12.22 7.50 5.21
N GLN A 67 11.27 6.59 5.42
CA GLN A 67 11.59 5.17 5.41
C GLN A 67 11.36 4.47 4.07
N TYR A 68 10.88 5.22 3.07
CA TYR A 68 10.84 4.69 1.69
C TYR A 68 11.93 5.32 0.85
N PRO A 69 12.91 4.50 0.43
CA PRO A 69 14.00 5.08 -0.34
C PRO A 69 13.55 5.51 -1.74
N ASN A 70 12.47 4.94 -2.26
CA ASN A 70 11.98 5.33 -3.59
C ASN A 70 10.50 4.97 -3.76
N LEU A 71 9.90 5.37 -4.87
CA LEU A 71 8.45 5.17 -5.00
C LEU A 71 8.11 3.68 -5.12
N GLU A 72 9.02 2.86 -5.65
CA GLU A 72 8.72 1.44 -5.80
C GLU A 72 8.61 0.72 -4.46
N THR A 73 9.42 1.12 -3.48
CA THR A 73 9.33 0.52 -2.15
C THR A 73 7.99 0.91 -1.50
N PHE A 74 7.48 2.10 -1.81
CA PHE A 74 6.16 2.52 -1.34
C PHE A 74 5.08 1.63 -1.96
N ALA A 75 5.13 1.45 -3.28
CA ALA A 75 4.13 0.61 -3.96
C ALA A 75 4.13 -0.83 -3.44
N LEU A 76 5.31 -1.34 -3.10
CA LEU A 76 5.43 -2.70 -2.55
C LEU A 76 4.65 -2.86 -1.24
N ASP A 77 4.75 -1.87 -0.36
CA ASP A 77 3.99 -1.89 0.90
C ASP A 77 2.49 -1.77 0.67
N VAL A 78 2.08 -0.92 -0.28
CA VAL A 78 0.65 -0.81 -0.58
C VAL A 78 0.13 -2.17 -1.10
N ARG A 79 0.86 -2.77 -2.03
CA ARG A 79 0.40 -4.02 -2.61
C ARG A 79 0.36 -5.12 -1.56
N LEU A 80 1.29 -5.04 -0.60
CA LEU A 80 1.38 -6.02 0.49
C LEU A 80 0.10 -6.02 1.31
N VAL A 81 -0.47 -4.84 1.54
CA VAL A 81 -1.76 -4.76 2.23
C VAL A 81 -2.80 -5.63 1.52
N PHE A 82 -2.84 -5.55 0.19
CA PHE A 82 -3.88 -6.22 -0.56
C PHE A 82 -3.56 -7.70 -0.75
N ASP A 83 -2.26 -8.02 -0.83
CA ASP A 83 -1.86 -9.41 -0.89
C ASP A 83 -2.18 -10.13 0.41
N ASN A 84 -1.94 -9.46 1.55
CA ASN A 84 -2.29 -10.03 2.85
C ASN A 84 -3.80 -10.28 2.95
N CYS A 85 -4.57 -9.31 2.43
CA CYS A 85 -6.01 -9.41 2.45
C CYS A 85 -6.49 -10.64 1.68
N GLU A 86 -5.90 -10.89 0.52
CA GLU A 86 -6.29 -12.05 -0.26
C GLU A 86 -5.93 -13.37 0.41
N THR A 87 -4.80 -13.38 1.11
CA THR A 87 -4.36 -14.58 1.79
C THR A 87 -5.32 -14.97 2.91
N PHE A 88 -5.84 -13.96 3.60
CA PHE A 88 -6.61 -14.21 4.82
C PHE A 88 -8.13 -14.19 4.63
N ASN A 89 -8.60 -13.66 3.51
CA ASN A 89 -10.03 -13.54 3.27
C ASN A 89 -10.52 -14.19 1.98
N GLU A 90 -11.70 -14.80 2.03
CA GLU A 90 -12.37 -15.31 0.83
C GLU A 90 -12.71 -14.13 -0.08
N ASP A 91 -12.63 -14.33 -1.40
CA ASP A 91 -13.00 -13.31 -2.36
C ASP A 91 -14.45 -12.89 -2.15
N ASP A 92 -15.29 -13.85 -1.79
CA ASP A 92 -16.71 -13.57 -1.53
C ASP A 92 -16.94 -13.29 -0.05
N SER A 93 -16.40 -12.16 0.39
CA SER A 93 -16.58 -11.67 1.75
C SER A 93 -16.48 -10.16 1.67
N ASP A 94 -17.01 -9.43 2.64
CA ASP A 94 -16.93 -7.97 2.60
C ASP A 94 -15.51 -7.47 2.53
N ILE A 95 -14.62 -8.03 3.36
CA ILE A 95 -13.23 -7.56 3.38
C ILE A 95 -12.48 -8.01 2.13
N GLY A 96 -12.78 -9.22 1.66
CA GLY A 96 -12.23 -9.71 0.41
C GLY A 96 -12.55 -8.82 -0.78
N ARG A 97 -13.81 -8.43 -0.91
CA ARG A 97 -14.20 -7.49 -1.96
C ARG A 97 -13.56 -6.13 -1.75
N ALA A 98 -13.48 -5.68 -0.49
CA ALA A 98 -12.84 -4.39 -0.19
C ALA A 98 -11.41 -4.34 -0.70
N GLY A 99 -10.66 -5.41 -0.44
CA GLY A 99 -9.29 -5.49 -0.89
C GLY A 99 -9.16 -5.44 -2.40
N HIS A 100 -9.98 -6.22 -3.09
CA HIS A 100 -9.99 -6.21 -4.55
C HIS A 100 -10.33 -4.81 -5.08
N ASN A 101 -11.33 -4.15 -4.49
CA ASN A 101 -11.70 -2.80 -4.93
C ASN A 101 -10.54 -1.80 -4.71
N MET A 102 -9.93 -1.85 -3.53
CA MET A 102 -8.85 -0.92 -3.18
C MET A 102 -7.61 -1.15 -4.02
N ARG A 103 -7.31 -2.40 -4.32
CA ARG A 103 -6.20 -2.69 -5.23
C ARG A 103 -6.43 -2.08 -6.62
N LYS A 104 -7.62 -2.29 -7.17
CA LYS A 104 -7.98 -1.73 -8.48
C LYS A 104 -7.85 -0.21 -8.44
N TYR A 105 -8.37 0.38 -7.37
CA TYR A 105 -8.33 1.82 -7.16
C TYR A 105 -6.87 2.34 -7.13
N PHE A 106 -6.02 1.66 -6.36
CA PHE A 106 -4.62 2.05 -6.26
C PHE A 106 -3.91 1.97 -7.58
N GLU A 107 -4.06 0.86 -8.31
CA GLU A 107 -3.25 0.64 -9.49
C GLU A 107 -3.57 1.64 -10.59
N LYS A 108 -4.83 2.08 -10.68
CA LYS A 108 -5.15 3.11 -11.68
C LYS A 108 -4.50 4.44 -11.31
N LYS A 109 -4.58 4.82 -10.03
CA LYS A 109 -3.90 6.03 -9.56
C LYS A 109 -2.41 5.94 -9.85
N TRP A 110 -1.83 4.77 -9.56
CA TRP A 110 -0.40 4.57 -9.76
C TRP A 110 0.00 4.77 -11.23
N THR A 111 -0.73 4.13 -12.12
CA THR A 111 -0.51 4.25 -13.56
C THR A 111 -0.71 5.66 -14.05
N ASP A 112 -1.82 6.27 -13.65
CA ASP A 112 -2.16 7.61 -14.11
C ASP A 112 -1.13 8.64 -13.64
N THR A 113 -0.58 8.41 -12.44
CA THR A 113 0.34 9.36 -11.82
C THR A 113 1.78 9.23 -12.32
N PHE A 114 2.23 8.00 -12.50
CA PHE A 114 3.65 7.76 -12.79
C PHE A 114 3.94 7.12 -14.14
N LYS A 115 2.91 6.66 -14.84
CA LYS A 115 3.11 6.04 -16.16
C LYS A 115 2.41 6.83 -17.26
C01 Y6M B . -7.91 -8.89 9.04
C02 Y6M B . -8.57 -9.02 10.38
C03 Y6M B . -9.97 -9.71 10.38
C04 Y6M B . -10.70 -9.80 11.58
C05 Y6M B . -11.96 -10.42 11.56
C06 Y6M B . -12.48 -10.94 10.36
C07 Y6M B . -11.76 -10.86 9.18
C08 Y6M B . -10.50 -10.24 9.19
N09 Y6M B . -9.73 -10.14 7.98
C10 Y6M B . -8.80 -9.10 7.85
O11 Y6M B . -7.97 -9.43 6.74
O12 Y6M B . -13.74 -11.56 10.36
C1 EDO C . -1.95 11.98 -7.18
O1 EDO C . -1.78 12.02 -8.61
C2 EDO C . -3.43 11.79 -6.84
O2 EDO C . -3.93 10.58 -7.45
C1 EDO D . -11.99 -6.05 11.02
O1 EDO D . -13.37 -6.41 11.18
C2 EDO D . -11.88 -4.65 10.41
O2 EDO D . -12.19 -3.64 11.38
C1 EDO E . -14.58 6.44 -3.82
O1 EDO E . -13.65 7.49 -3.58
C2 EDO E . -14.77 5.55 -2.59
O2 EDO E . -15.21 6.32 -1.46
C1 EDO F . -4.81 -16.21 18.72
O1 EDO F . -3.56 -15.77 18.18
C2 EDO F . -5.19 -15.32 19.89
O2 EDO F . -6.47 -14.73 19.64
C1 EDO G . -9.17 5.23 11.53
O1 EDO G . -9.67 3.97 11.99
C2 EDO G . -7.70 5.39 11.93
O2 EDO G . -6.92 5.75 10.79
#